data_3SYX
#
_entry.id   3SYX
#
_cell.length_a   52.754
_cell.length_b   52.754
_cell.length_c   121.638
_cell.angle_alpha   90.000
_cell.angle_beta   90.000
_cell.angle_gamma   120.000
#
_symmetry.space_group_name_H-M   'P 31 1 2'
#
loop_
_entity.id
_entity.type
_entity.pdbx_description
1 polymer 'Sprouty-related, EVH1 domain-containing protein 1'
2 non-polymer 'YTTRIUM (III) ION'
3 water water
#
_entity_poly.entity_id   1
_entity_poly.type   'polypeptide(L)'
_entity_poly.pdbx_seq_one_letter_code
;MGHHHHHHSHMSYARVRAVVMTRDDSSGGWLPLGGSGLSSVTVFKVPHQEENGCADFFIRGERLRDKMVVLECMLKKDLI
YNKVTPTFHHWKIDDKKFGLTFQSPADARAFDRGIRRAIEDISQGCPESK
;
_entity_poly.pdbx_strand_id   A
#
# COMPACT_ATOMS: atom_id res chain seq x y z
N SER A 9 11.73 10.30 7.88
CA SER A 9 13.05 9.73 8.26
C SER A 9 12.91 8.22 8.50
N HIS A 10 12.56 7.86 9.72
CA HIS A 10 12.34 6.47 10.07
C HIS A 10 10.82 6.39 10.10
N MET A 11 10.23 7.19 9.21
CA MET A 11 8.79 7.29 9.07
C MET A 11 8.31 6.43 7.91
N SER A 12 9.23 6.10 7.01
CA SER A 12 8.89 5.28 5.86
C SER A 12 9.09 3.81 6.19
N TYR A 13 8.14 2.98 5.76
CA TYR A 13 8.23 1.53 5.98
C TYR A 13 8.54 0.79 4.68
N ALA A 14 8.16 1.39 3.55
CA ALA A 14 8.42 0.77 2.25
C ALA A 14 8.20 1.71 1.07
N ARG A 15 8.98 1.53 0.03
CA ARG A 15 8.86 2.34 -1.17
C ARG A 15 9.28 1.52 -2.38
N VAL A 16 8.31 1.26 -3.26
CA VAL A 16 8.54 0.49 -4.47
C VAL A 16 7.79 1.14 -5.61
N ARG A 17 8.15 0.76 -6.82
CA ARG A 17 7.48 1.26 -8.01
C ARG A 17 6.63 0.08 -8.49
N ALA A 18 5.34 0.29 -8.62
CA ALA A 18 4.46 -0.78 -9.06
C ALA A 18 3.27 -0.20 -9.80
N VAL A 19 2.36 -1.08 -10.23
CA VAL A 19 1.17 -0.61 -10.91
C VAL A 19 -0.03 -0.81 -10.00
N VAL A 20 -0.78 0.26 -9.77
CA VAL A 20 -1.95 0.19 -8.92
C VAL A 20 -3.09 -0.50 -9.66
N MET A 21 -3.72 -1.45 -8.97
CA MET A 21 -4.80 -2.26 -9.53
C MET A 21 -6.13 -2.04 -8.82
N THR A 22 -7.21 -1.95 -9.58
CA THR A 22 -8.53 -1.79 -8.99
C THR A 22 -9.39 -2.99 -9.39
N ARG A 23 -10.34 -3.33 -8.53
CA ARG A 23 -11.24 -4.45 -8.78
C ARG A 23 -12.26 -4.01 -9.85
N ASP A 24 -12.42 -4.80 -10.92
CA ASP A 24 -13.31 -4.48 -12.05
C ASP A 24 -14.84 -4.72 -11.99
N ASP A 25 -15.56 -4.10 -12.94
CA ASP A 25 -17.02 -4.23 -13.07
C ASP A 25 -17.36 -5.65 -13.46
N SER A 26 -16.36 -6.51 -13.41
CA SER A 26 -16.67 -7.85 -13.76
C SER A 26 -16.83 -8.43 -12.37
N SER A 27 -16.57 -9.72 -12.22
CA SER A 27 -16.70 -10.32 -10.91
C SER A 27 -15.49 -11.16 -10.45
N GLY A 28 -14.45 -10.50 -9.95
CA GLY A 28 -13.29 -11.22 -9.46
C GLY A 28 -12.03 -10.87 -10.21
N GLY A 29 -12.12 -9.90 -11.11
CA GLY A 29 -10.96 -9.49 -11.88
C GLY A 29 -10.35 -8.18 -11.41
N TRP A 30 -9.14 -7.90 -11.86
CA TRP A 30 -8.45 -6.67 -11.49
C TRP A 30 -7.83 -6.05 -12.72
N LEU A 31 -7.84 -4.73 -12.78
CA LEU A 31 -7.27 -3.99 -13.90
C LEU A 31 -6.48 -2.80 -13.35
N PRO A 32 -5.48 -2.34 -14.11
CA PRO A 32 -4.69 -1.18 -13.65
C PRO A 32 -5.51 0.11 -13.64
N LEU A 33 -5.40 0.89 -12.56
CA LEU A 33 -6.14 2.15 -12.44
C LEU A 33 -5.70 3.22 -13.44
N GLY A 34 -6.45 3.33 -14.53
CA GLY A 34 -6.11 4.31 -15.54
C GLY A 34 -4.97 3.78 -16.39
N GLY A 35 -3.81 4.41 -16.29
CA GLY A 35 -2.69 3.96 -17.09
C GLY A 35 -2.09 2.65 -16.64
N SER A 36 -1.12 2.17 -17.40
CA SER A 36 -0.41 0.94 -17.10
C SER A 36 0.94 1.38 -16.56
N GLY A 37 1.05 2.69 -16.33
CA GLY A 37 2.29 3.25 -15.83
C GLY A 37 2.58 2.88 -14.39
N LEU A 38 3.84 2.98 -14.01
CA LEU A 38 4.24 2.67 -12.65
C LEU A 38 3.89 3.84 -11.75
N SER A 39 3.72 3.57 -10.47
CA SER A 39 3.43 4.61 -9.50
C SER A 39 4.49 4.43 -8.42
N SER A 40 4.76 5.49 -7.66
CA SER A 40 5.70 5.38 -6.57
C SER A 40 4.83 5.04 -5.38
N VAL A 41 4.94 3.81 -4.89
CA VAL A 41 4.12 3.38 -3.77
C VAL A 41 4.92 3.33 -2.48
N THR A 42 4.49 4.12 -1.50
CA THR A 42 5.16 4.18 -0.23
C THR A 42 4.19 3.86 0.88
N VAL A 43 4.75 3.44 2.01
CA VAL A 43 3.98 3.11 3.20
C VAL A 43 4.69 3.94 4.28
N PHE A 44 3.94 4.72 5.03
CA PHE A 44 4.57 5.57 6.03
C PHE A 44 3.72 5.88 7.25
N LYS A 45 4.41 6.34 8.29
CA LYS A 45 3.79 6.69 9.55
C LYS A 45 3.70 8.22 9.67
N VAL A 46 2.60 8.71 10.24
CA VAL A 46 2.43 10.14 10.44
C VAL A 46 2.10 10.32 11.92
N PRO A 47 3.05 10.84 12.70
CA PRO A 47 2.87 11.08 14.14
C PRO A 47 1.68 11.97 14.45
N HIS A 48 0.87 11.57 15.42
CA HIS A 48 -0.27 12.40 15.80
C HIS A 48 0.28 13.72 16.35
N GLN A 49 1.23 13.62 17.27
CA GLN A 49 1.83 14.80 17.89
C GLN A 49 3.32 14.54 18.05
N GLU A 50 3.66 13.78 19.09
CA GLU A 50 5.03 13.42 19.39
C GLU A 50 5.56 12.52 18.27
N GLU A 51 6.75 12.83 17.75
CA GLU A 51 7.34 12.03 16.67
C GLU A 51 7.52 10.55 16.95
N ASN A 52 7.29 10.13 18.19
CA ASN A 52 7.47 8.73 18.52
C ASN A 52 6.29 8.10 19.23
N GLY A 53 5.19 8.84 19.34
CA GLY A 53 4.00 8.32 19.98
C GLY A 53 3.02 7.76 18.97
N CYS A 54 1.76 7.63 19.38
CA CYS A 54 0.74 7.09 18.48
C CYS A 54 0.77 7.80 17.14
N ALA A 55 0.46 7.06 16.09
CA ALA A 55 0.46 7.62 14.75
C ALA A 55 -0.54 6.91 13.85
N ASP A 56 -0.67 7.42 12.62
CA ASP A 56 -1.54 6.85 11.60
C ASP A 56 -0.60 6.39 10.51
N PHE A 57 -0.95 5.31 9.83
CA PHE A 57 -0.11 4.77 8.77
C PHE A 57 -0.87 4.76 7.46
N PHE A 58 -0.21 5.22 6.42
CA PHE A 58 -0.85 5.31 5.12
C PHE A 58 -0.09 4.60 4.02
N ILE A 59 -0.83 4.26 2.98
CA ILE A 59 -0.27 3.65 1.78
C ILE A 59 -0.55 4.78 0.80
N ARG A 60 0.43 5.16 -0.01
CA ARG A 60 0.21 6.24 -0.98
C ARG A 60 0.83 5.88 -2.33
N GLY A 61 0.04 6.02 -3.39
CA GLY A 61 0.52 5.68 -4.72
C GLY A 61 0.49 6.90 -5.61
N GLU A 62 1.66 7.30 -6.10
CA GLU A 62 1.78 8.48 -6.95
C GLU A 62 2.27 8.08 -8.33
N ARG A 63 1.45 8.30 -9.34
CA ARG A 63 1.80 7.95 -10.72
C ARG A 63 3.05 8.70 -11.11
N LEU A 64 4.01 8.00 -11.71
CA LEU A 64 5.29 8.59 -12.09
C LEU A 64 5.32 9.72 -13.09
N ARG A 65 4.53 9.60 -14.15
CA ARG A 65 4.50 10.62 -15.19
C ARG A 65 3.91 11.99 -14.78
N ASP A 66 2.70 11.98 -14.23
CA ASP A 66 2.05 13.22 -13.84
C ASP A 66 1.95 13.46 -12.33
N LYS A 67 2.68 12.66 -11.56
CA LYS A 67 2.69 12.77 -10.11
C LYS A 67 1.31 12.75 -9.45
N MET A 68 0.29 12.31 -10.18
CA MET A 68 -1.06 12.25 -9.63
C MET A 68 -1.17 11.18 -8.54
N VAL A 69 -1.79 11.52 -7.42
CA VAL A 69 -1.97 10.54 -6.37
C VAL A 69 -3.16 9.68 -6.77
N VAL A 70 -2.91 8.46 -7.25
CA VAL A 70 -4.00 7.59 -7.67
C VAL A 70 -4.45 6.61 -6.57
N LEU A 71 -3.77 6.65 -5.43
CA LEU A 71 -4.10 5.77 -4.29
C LEU A 71 -3.63 6.41 -2.96
N GLU A 72 -4.52 6.45 -1.98
CA GLU A 72 -4.22 7.04 -0.66
C GLU A 72 -5.14 6.33 0.29
N CYS A 73 -4.56 5.60 1.24
CA CYS A 73 -5.36 4.82 2.14
C CYS A 73 -4.74 4.75 3.53
N MET A 74 -5.58 4.73 4.55
CA MET A 74 -5.10 4.63 5.93
C MET A 74 -5.16 3.15 6.34
N LEU A 75 -4.08 2.65 6.94
CA LEU A 75 -4.08 1.27 7.36
C LEU A 75 -4.88 1.12 8.63
N LYS A 76 -5.44 -0.06 8.81
CA LYS A 76 -6.21 -0.38 10.01
C LYS A 76 -5.77 -1.78 10.41
N LYS A 77 -5.83 -2.07 11.71
CA LYS A 77 -5.42 -3.36 12.23
C LYS A 77 -6.12 -4.59 11.63
N ASP A 78 -7.40 -4.44 11.29
CA ASP A 78 -8.19 -5.54 10.74
C ASP A 78 -7.93 -5.85 9.27
N LEU A 79 -7.12 -5.04 8.62
CA LEU A 79 -6.86 -5.24 7.19
C LEU A 79 -6.39 -6.64 6.76
N ILE A 80 -6.91 -7.06 5.60
CA ILE A 80 -6.61 -8.36 5.01
C ILE A 80 -5.61 -8.23 3.85
N TYR A 81 -4.59 -9.07 3.84
CA TYR A 81 -3.62 -9.04 2.76
C TYR A 81 -3.72 -10.31 1.94
N ASN A 82 -3.55 -10.20 0.62
CA ASN A 82 -3.64 -11.36 -0.25
C ASN A 82 -2.52 -11.47 -1.27
N LYS A 83 -1.68 -12.48 -1.09
CA LYS A 83 -0.58 -12.73 -2.01
C LYS A 83 -1.12 -13.75 -3.00
N VAL A 84 -1.57 -13.28 -4.16
CA VAL A 84 -2.10 -14.18 -5.19
C VAL A 84 -0.94 -14.83 -5.95
N THR A 85 -0.05 -14.01 -6.50
CA THR A 85 1.12 -14.53 -7.19
C THR A 85 2.30 -13.84 -6.52
N PRO A 86 3.53 -14.24 -6.85
CA PRO A 86 4.69 -13.62 -6.22
C PRO A 86 4.85 -12.17 -6.68
N THR A 87 4.04 -11.77 -7.64
CA THR A 87 4.16 -10.44 -8.21
C THR A 87 2.87 -9.62 -8.21
N PHE A 88 1.84 -10.14 -7.54
CA PHE A 88 0.55 -9.50 -7.46
C PHE A 88 -0.10 -9.69 -6.10
N HIS A 89 -0.27 -8.60 -5.37
CA HIS A 89 -0.90 -8.64 -4.04
C HIS A 89 -2.09 -7.69 -4.06
N HIS A 90 -3.02 -7.90 -3.15
CA HIS A 90 -4.17 -7.01 -3.04
C HIS A 90 -4.67 -7.11 -1.62
N TRP A 91 -5.20 -6.02 -1.10
CA TRP A 91 -5.67 -5.96 0.29
C TRP A 91 -7.05 -5.34 0.38
N LYS A 92 -7.69 -5.55 1.53
CA LYS A 92 -9.01 -5.05 1.80
C LYS A 92 -9.00 -4.33 3.15
N ILE A 93 -9.36 -3.05 3.17
CA ILE A 93 -9.40 -2.27 4.41
C ILE A 93 -10.86 -1.85 4.45
N ASP A 94 -11.57 -2.33 5.46
CA ASP A 94 -12.98 -2.00 5.58
C ASP A 94 -13.53 -2.45 4.24
N ASP A 95 -14.63 -1.84 3.82
CA ASP A 95 -15.27 -2.17 2.55
C ASP A 95 -14.51 -2.12 1.21
N LYS A 96 -13.41 -1.39 1.05
CA LYS A 96 -12.81 -1.41 -0.29
C LYS A 96 -11.45 -2.07 -0.52
N LYS A 97 -11.13 -2.32 -1.79
CA LYS A 97 -9.94 -3.04 -2.17
C LYS A 97 -9.00 -2.33 -3.12
N PHE A 98 -7.72 -2.63 -2.98
CA PHE A 98 -6.67 -2.06 -3.81
C PHE A 98 -5.70 -3.20 -4.05
N GLY A 99 -4.93 -3.12 -5.12
CA GLY A 99 -3.99 -4.18 -5.41
C GLY A 99 -2.74 -3.62 -6.06
N LEU A 100 -1.70 -4.43 -6.07
CA LEU A 100 -0.46 -3.99 -6.69
C LEU A 100 0.17 -5.05 -7.60
N THR A 101 0.79 -4.57 -8.68
CA THR A 101 1.47 -5.43 -9.61
C THR A 101 2.92 -4.97 -9.50
N PHE A 102 3.73 -5.80 -8.87
CA PHE A 102 5.14 -5.48 -8.66
C PHE A 102 5.98 -5.80 -9.89
N GLN A 103 7.17 -5.22 -9.95
CA GLN A 103 8.07 -5.43 -11.06
C GLN A 103 8.90 -6.69 -10.82
N SER A 104 8.94 -7.13 -9.56
CA SER A 104 9.71 -8.32 -9.21
C SER A 104 9.20 -8.94 -7.91
N PRO A 105 9.48 -10.22 -7.70
CA PRO A 105 9.01 -10.85 -6.45
C PRO A 105 9.78 -10.22 -5.30
N ALA A 106 10.92 -9.61 -5.63
CA ALA A 106 11.75 -8.95 -4.64
C ALA A 106 11.00 -7.74 -4.11
N ASP A 107 10.72 -6.79 -4.99
CA ASP A 107 9.97 -5.59 -4.61
C ASP A 107 8.76 -6.01 -3.79
N ALA A 108 8.03 -7.01 -4.31
CA ALA A 108 6.84 -7.52 -3.65
C ALA A 108 7.11 -7.96 -2.21
N ARG A 109 8.18 -8.71 -2.00
CA ARG A 109 8.51 -9.17 -0.66
C ARG A 109 8.93 -8.02 0.24
N ALA A 110 9.66 -7.05 -0.33
CA ALA A 110 10.11 -5.88 0.43
C ALA A 110 8.88 -5.10 0.89
N PHE A 111 7.95 -4.88 -0.03
CA PHE A 111 6.74 -4.15 0.30
C PHE A 111 5.91 -4.87 1.36
N ASP A 112 5.86 -6.20 1.27
CA ASP A 112 5.11 -7.01 2.22
C ASP A 112 5.67 -6.92 3.65
N ARG A 113 6.98 -6.94 3.79
CA ARG A 113 7.54 -6.82 5.14
C ARG A 113 7.06 -5.44 5.61
N GLY A 114 7.23 -4.45 4.75
CA GLY A 114 6.83 -3.08 5.03
C GLY A 114 5.43 -2.95 5.62
N ILE A 115 4.42 -3.37 4.87
CA ILE A 115 3.04 -3.30 5.35
C ILE A 115 2.91 -4.05 6.68
N ARG A 116 3.58 -5.20 6.76
CA ARG A 116 3.54 -6.05 7.94
C ARG A 116 4.06 -5.32 9.18
N ARG A 117 5.21 -4.69 9.06
CA ARG A 117 5.77 -3.98 10.20
C ARG A 117 4.84 -2.85 10.60
N ALA A 118 4.40 -2.09 9.61
CA ALA A 118 3.51 -0.96 9.84
C ALA A 118 2.26 -1.36 10.58
N ILE A 119 1.64 -2.46 10.18
CA ILE A 119 0.42 -2.90 10.84
C ILE A 119 0.66 -3.27 12.30
N GLU A 120 1.77 -3.95 12.55
CA GLU A 120 2.13 -4.35 13.90
C GLU A 120 2.40 -3.13 14.75
N ASP A 121 2.97 -2.10 14.13
CA ASP A 121 3.30 -0.85 14.81
C ASP A 121 2.12 0.10 14.99
N ILE A 122 0.93 -0.28 14.55
CA ILE A 122 -0.20 0.63 14.66
C ILE A 122 -0.59 1.08 16.06
N SER A 123 -0.55 0.17 17.02
CA SER A 123 -0.93 0.50 18.39
C SER A 123 0.20 1.13 19.22
N GLN A 124 1.37 1.32 18.60
CA GLN A 124 2.52 1.91 19.29
C GLN A 124 2.06 3.26 19.84
N GLY A 125 1.70 3.28 21.12
CA GLY A 125 1.18 4.47 21.77
C GLY A 125 -0.21 4.07 22.24
N CYS A 126 -1.15 5.01 22.32
CA CYS A 126 -2.51 4.70 22.76
C CYS A 126 -3.31 5.96 23.06
#